data_6HB0
#
_entry.id   6HB0
#
_cell.length_a   75.746
_cell.length_b   75.746
_cell.length_c   186.955
_cell.angle_alpha   90.00
_cell.angle_beta   90.00
_cell.angle_gamma   120.00
#
_symmetry.space_group_name_H-M   'P 31 2 1'
#
loop_
_entity.id
_entity.type
_entity.pdbx_description
1 polymer 'ABC transporter periplasmic-binding protein YtfQ'
2 non-polymer 'ZINC ION'
3 water water
#
_entity_poly.entity_id   1
_entity_poly.type   'polypeptide(L)'
_entity_poly.pdbx_seq_one_letter_code
;MDGSGKAPGSEGGSAPDGALTLGFAQVGAESGWRTANTESIKSAAEEAGVNLKFADANGEQEKQISAIRSFIQQGVDVIA
FSPVVRTGWDAVLQETKNAGIPVILTDRAVDTQDTDVYKTFIGADFIEEGRRAGQWVADQYASATGPVNIVQLEGTTGAD
PAIDRKTGFAEGISKNPNLKIVASQTGDFTRSGGKQVMEAFLKSTPQIDVVFAQNDDMGLGAMEAIEAAGKKPGTDIKIV
AVDATHDGMQALADGKFNYIVECNPLLGPELMDLAKKVAAGEPVPERVVTPDEAFDQAQAKAALPNRQYKLAAALEHHHH
HH
;
_entity_poly.pdbx_strand_id   A,B
#
# COMPACT_ATOMS: atom_id res chain seq x y z
N GLY A 18 22.55 13.23 9.34
CA GLY A 18 21.74 13.21 10.60
C GLY A 18 20.30 12.72 10.43
N ALA A 19 20.10 11.66 9.64
CA ALA A 19 18.84 10.94 9.66
C ALA A 19 18.75 10.25 11.05
N LEU A 20 17.60 10.34 11.68
CA LEU A 20 17.34 9.58 12.89
C LEU A 20 17.58 8.06 12.64
N THR A 21 18.29 7.36 13.53
CA THR A 21 18.48 5.92 13.42
C THR A 21 17.61 5.18 14.45
N LEU A 22 16.81 4.25 13.95
CA LEU A 22 15.85 3.49 14.72
C LEU A 22 16.21 2.05 14.62
N GLY A 23 16.52 1.45 15.77
CA GLY A 23 16.66 0.00 15.82
C GLY A 23 15.33 -0.64 16.13
N PHE A 24 14.91 -1.60 15.30
CA PHE A 24 13.67 -2.29 15.56
C PHE A 24 13.87 -3.80 15.67
N ALA A 25 13.58 -4.38 16.84
CA ALA A 25 13.70 -5.84 17.05
C ALA A 25 12.32 -6.47 16.91
N GLN A 26 12.12 -7.09 15.76
CA GLN A 26 10.93 -7.87 15.47
C GLN A 26 10.95 -9.20 16.24
N VAL A 27 9.77 -9.77 16.38
CA VAL A 27 9.56 -11.11 16.96
C VAL A 27 10.13 -12.25 16.07
N GLY A 28 9.59 -12.39 14.86
CA GLY A 28 9.79 -13.58 14.03
C GLY A 28 8.80 -13.66 12.87
N GLY A 32 2.31 -13.59 16.24
CA GLY A 32 1.25 -13.20 17.15
C GLY A 32 -0.03 -12.72 16.46
N TRP A 33 -0.82 -11.96 17.22
CA TRP A 33 -2.25 -11.75 16.95
C TRP A 33 -2.64 -10.49 16.16
N ARG A 34 -2.08 -9.35 16.53
CA ARG A 34 -2.37 -8.06 15.87
C ARG A 34 -1.04 -7.31 15.86
N THR A 35 -0.16 -7.77 15.00
CA THR A 35 1.25 -7.37 14.97
C THR A 35 1.52 -6.55 13.71
N ALA A 36 2.22 -5.43 13.88
CA ALA A 36 2.66 -4.67 12.73
C ALA A 36 3.64 -5.57 11.94
N ASN A 37 3.48 -5.54 10.64
CA ASN A 37 4.20 -6.43 9.76
C ASN A 37 5.43 -5.66 9.29
N THR A 38 6.41 -6.36 8.77
CA THR A 38 7.68 -5.78 8.35
C THR A 38 7.59 -4.75 7.21
N GLU A 39 6.83 -5.05 6.17
CA GLU A 39 6.65 -4.12 5.04
C GLU A 39 6.14 -2.73 5.49
N SER A 40 5.27 -2.70 6.49
CA SER A 40 4.69 -1.43 6.98
C SER A 40 5.71 -0.59 7.70
N ILE A 41 6.56 -1.24 8.47
CA ILE A 41 7.56 -0.57 9.23
C ILE A 41 8.67 -0.10 8.28
N LYS A 42 9.09 -0.98 7.37
CA LYS A 42 10.16 -0.60 6.43
C LYS A 42 9.74 0.57 5.55
N SER A 43 8.55 0.46 4.97
CA SER A 43 8.02 1.56 4.10
C SER A 43 7.80 2.88 4.88
N ALA A 44 7.29 2.80 6.10
CA ALA A 44 7.04 4.00 6.89
C ALA A 44 8.35 4.69 7.24
N ALA A 45 9.41 3.91 7.50
CA ALA A 45 10.71 4.54 7.77
C ALA A 45 11.28 5.24 6.51
N GLU A 46 11.14 4.62 5.36
CA GLU A 46 11.54 5.25 4.09
C GLU A 46 10.76 6.55 3.88
N GLU A 47 9.46 6.51 4.07
CA GLU A 47 8.66 7.73 3.96
C GLU A 47 9.03 8.83 4.95
N ALA A 48 9.38 8.46 6.18
CA ALA A 48 9.71 9.48 7.15
C ALA A 48 11.17 9.90 7.14
N GLY A 49 12.01 9.30 6.31
CA GLY A 49 13.42 9.62 6.34
C GLY A 49 14.18 9.07 7.52
N VAL A 50 13.70 7.95 8.08
CA VAL A 50 14.33 7.32 9.22
C VAL A 50 15.22 6.19 8.73
N ASN A 51 16.42 6.12 9.28
CA ASN A 51 17.34 5.05 8.95
C ASN A 51 17.01 3.86 9.89
N LEU A 52 16.42 2.83 9.34
CA LEU A 52 15.89 1.71 10.12
C LEU A 52 16.85 0.55 10.16
N LYS A 53 17.18 0.06 11.35
CA LYS A 53 18.00 -1.13 11.48
C LYS A 53 17.13 -2.22 12.05
N PHE A 54 16.89 -3.25 11.25
CA PHE A 54 16.07 -4.39 11.63
C PHE A 54 16.85 -5.51 12.29
N ALA A 55 16.26 -6.12 13.31
CA ALA A 55 16.75 -7.38 13.84
C ALA A 55 15.58 -8.33 13.96
N ASP A 56 15.89 -9.63 13.85
CA ASP A 56 14.91 -10.74 13.96
C ASP A 56 15.31 -11.61 15.17
N ALA A 57 14.39 -11.71 16.14
CA ALA A 57 14.62 -12.50 17.35
C ALA A 57 14.28 -14.01 17.19
N ASN A 58 13.66 -14.38 16.07
CA ASN A 58 13.27 -15.77 15.83
C ASN A 58 12.50 -16.37 17.00
N GLY A 59 11.45 -15.67 17.42
CA GLY A 59 10.56 -16.11 18.51
C GLY A 59 11.14 -16.12 19.92
N GLU A 60 12.41 -15.75 20.10
CA GLU A 60 13.10 -16.05 21.36
C GLU A 60 13.54 -14.81 22.12
N GLN A 61 13.16 -14.74 23.40
CA GLN A 61 13.51 -13.57 24.20
C GLN A 61 15.01 -13.29 24.30
N GLU A 62 15.83 -14.32 24.43
CA GLU A 62 17.26 -14.04 24.65
C GLU A 62 17.87 -13.38 23.41
N LYS A 63 17.41 -13.79 22.23
CA LYS A 63 17.82 -13.20 20.97
C LYS A 63 17.25 -11.78 20.77
N GLN A 64 16.04 -11.49 21.25
CA GLN A 64 15.56 -10.11 21.27
C GLN A 64 16.39 -9.24 22.20
N ILE A 65 16.71 -9.74 23.39
CA ILE A 65 17.57 -9.05 24.31
C ILE A 65 18.96 -8.79 23.69
N SER A 66 19.52 -9.75 22.95
CA SER A 66 20.78 -9.54 22.23
C SER A 66 20.66 -8.45 21.16
N ALA A 67 19.57 -8.49 20.39
CA ALA A 67 19.37 -7.47 19.38
C ALA A 67 19.34 -6.06 20.04
N ILE A 68 18.65 -5.94 21.17
CA ILE A 68 18.59 -4.65 21.87
C ILE A 68 19.99 -4.20 22.30
N ARG A 69 20.77 -5.12 22.86
CA ARG A 69 22.13 -4.80 23.28
C ARG A 69 23.00 -4.38 22.11
N SER A 70 22.85 -5.05 20.98
CA SER A 70 23.61 -4.68 19.81
C SER A 70 23.19 -3.28 19.29
N PHE A 71 21.90 -2.96 19.36
CA PHE A 71 21.52 -1.58 19.02
C PHE A 71 22.14 -0.56 19.94
N ILE A 72 22.27 -0.89 21.23
CA ILE A 72 22.93 0.02 22.15
C ILE A 72 24.38 0.21 21.72
N GLN A 73 25.06 -0.89 21.43
CA GLN A 73 26.45 -0.85 20.89
C GLN A 73 26.57 -0.04 19.62
N GLN A 74 25.62 -0.20 18.71
CA GLN A 74 25.64 0.55 17.45
C GLN A 74 25.30 2.04 17.59
N GLY A 75 24.95 2.49 18.78
CA GLY A 75 24.57 3.89 19.06
C GLY A 75 23.33 4.42 18.35
N VAL A 76 22.30 3.59 18.19
CA VAL A 76 21.08 4.06 17.54
C VAL A 76 20.47 5.17 18.42
N ASP A 77 19.61 5.98 17.82
CA ASP A 77 18.96 7.07 18.51
C ASP A 77 17.74 6.62 19.30
N VAL A 78 17.04 5.62 18.79
CA VAL A 78 15.80 5.11 19.36
C VAL A 78 15.75 3.60 19.14
N ILE A 79 15.22 2.88 20.12
CA ILE A 79 15.04 1.45 19.99
C ILE A 79 13.54 1.18 20.15
N ALA A 80 13.01 0.37 19.25
CA ALA A 80 11.66 -0.09 19.38
C ALA A 80 11.70 -1.59 19.21
N PHE A 81 10.79 -2.24 19.92
CA PHE A 81 10.62 -3.66 19.69
C PHE A 81 9.23 -4.12 20.05
N SER A 82 8.91 -5.27 19.50
CA SER A 82 7.67 -5.99 19.68
C SER A 82 7.99 -7.18 20.59
N PRO A 83 7.69 -7.06 21.89
CA PRO A 83 8.13 -8.05 22.89
C PRO A 83 7.58 -9.45 22.61
N VAL A 84 8.44 -10.45 22.52
CA VAL A 84 7.98 -11.80 22.29
C VAL A 84 7.20 -12.29 23.50
N VAL A 85 7.55 -11.81 24.68
CA VAL A 85 6.84 -12.11 25.92
C VAL A 85 6.67 -10.84 26.73
N ARG A 86 5.72 -10.84 27.65
CA ARG A 86 5.45 -9.64 28.48
C ARG A 86 6.52 -9.30 29.48
N THR A 87 7.24 -10.29 29.99
CA THR A 87 8.05 -10.11 31.19
C THR A 87 9.51 -10.38 30.98
N GLY A 88 10.33 -9.82 31.84
CA GLY A 88 11.74 -10.08 31.83
C GLY A 88 12.57 -9.10 31.04
N TRP A 89 12.02 -7.91 30.81
CA TRP A 89 12.73 -6.88 30.09
C TRP A 89 13.43 -5.86 30.96
N ASP A 90 13.19 -5.86 32.26
CA ASP A 90 13.63 -4.72 33.08
C ASP A 90 15.13 -4.50 33.04
N ALA A 91 15.91 -5.59 33.03
CA ALA A 91 17.36 -5.49 33.00
C ALA A 91 17.86 -4.86 31.70
N VAL A 92 17.46 -5.40 30.56
CA VAL A 92 17.91 -4.79 29.32
C VAL A 92 17.38 -3.34 29.12
N LEU A 93 16.20 -3.07 29.63
CA LEU A 93 15.64 -1.71 29.63
C LEU A 93 16.42 -0.75 30.54
N GLN A 94 17.03 -1.25 31.61
CA GLN A 94 17.96 -0.45 32.39
C GLN A 94 19.18 -0.11 31.60
N GLU A 95 19.66 -1.06 30.80
CA GLU A 95 20.80 -0.81 29.91
C GLU A 95 20.49 0.23 28.82
N THR A 96 19.26 0.23 28.30
CA THR A 96 18.92 1.27 27.34
C THR A 96 18.82 2.63 28.04
N LYS A 97 18.22 2.65 29.20
CA LYS A 97 18.05 3.88 29.91
C LYS A 97 19.43 4.43 30.27
N ASN A 98 20.34 3.58 30.74
CA ASN A 98 21.70 4.01 31.07
C ASN A 98 22.45 4.52 29.83
N ALA A 99 22.19 3.97 28.65
CA ALA A 99 22.79 4.49 27.42
C ALA A 99 22.06 5.71 26.85
N GLY A 100 21.03 6.19 27.52
CA GLY A 100 20.25 7.36 27.08
C GLY A 100 19.46 7.15 25.78
N ILE A 101 19.13 5.90 25.46
CA ILE A 101 18.37 5.59 24.26
C ILE A 101 16.90 5.35 24.64
N PRO A 102 16.00 6.19 24.12
CA PRO A 102 14.57 5.96 24.39
C PRO A 102 14.07 4.70 23.74
N VAL A 103 13.07 4.10 24.35
CA VAL A 103 12.46 2.87 23.90
C VAL A 103 10.96 2.99 23.65
N ILE A 104 10.51 2.44 22.54
CA ILE A 104 9.11 2.37 22.19
C ILE A 104 8.75 0.92 22.06
N LEU A 105 7.66 0.53 22.73
CA LEU A 105 7.11 -0.85 22.59
C LEU A 105 6.01 -0.91 21.59
N THR A 106 5.99 -1.96 20.78
CA THR A 106 4.93 -2.15 19.83
C THR A 106 4.25 -3.50 20.00
N ASP A 107 2.98 -3.52 19.68
CA ASP A 107 2.18 -4.76 19.50
C ASP A 107 1.78 -5.47 20.82
N ARG A 108 2.71 -5.72 21.73
CA ARG A 108 2.40 -6.41 22.96
C ARG A 108 2.97 -5.60 24.13
N ALA A 109 2.16 -5.41 25.15
CA ALA A 109 2.51 -4.64 26.34
C ALA A 109 3.42 -5.44 27.24
N VAL A 110 4.23 -4.79 28.05
CA VAL A 110 5.06 -5.51 29.00
C VAL A 110 4.62 -5.29 30.43
N ASP A 111 5.01 -6.24 31.28
CA ASP A 111 4.92 -6.10 32.73
C ASP A 111 6.27 -5.55 33.15
N THR A 112 6.29 -4.50 33.94
CA THR A 112 7.57 -4.04 34.47
C THR A 112 7.47 -3.87 35.97
N GLN A 113 8.60 -4.04 36.64
CA GLN A 113 8.67 -3.70 38.06
C GLN A 113 9.42 -2.35 38.25
N ASP A 114 9.72 -1.61 37.17
CA ASP A 114 10.54 -0.39 37.25
C ASP A 114 9.68 0.73 36.73
N THR A 115 10.18 1.94 36.89
CA THR A 115 9.46 3.13 36.44
C THR A 115 10.18 3.73 35.24
N ASP A 116 9.39 4.17 34.26
CA ASP A 116 9.93 4.92 33.11
C ASP A 116 11.08 4.15 32.43
N VAL A 117 10.82 2.89 32.14
CA VAL A 117 11.81 2.09 31.35
C VAL A 117 11.47 2.06 29.85
N TYR A 118 10.30 2.56 29.49
CA TYR A 118 10.01 2.80 28.07
C TYR A 118 9.16 4.03 27.97
N LYS A 119 9.13 4.63 26.80
CA LYS A 119 8.44 5.91 26.62
C LYS A 119 6.97 5.68 26.29
N THR A 120 6.70 4.71 25.44
CA THR A 120 5.34 4.49 25.01
C THR A 120 5.14 3.11 24.45
N PHE A 121 3.89 2.70 24.51
CA PHE A 121 3.42 1.44 23.98
C PHE A 121 2.37 1.74 22.92
N ILE A 122 2.49 1.13 21.78
CA ILE A 122 1.55 1.21 20.68
C ILE A 122 1.07 -0.18 20.31
N GLY A 123 -0.21 -0.46 20.51
CA GLY A 123 -0.75 -1.77 20.08
C GLY A 123 -2.26 -1.84 20.07
N ALA A 124 -2.81 -2.92 19.56
CA ALA A 124 -4.24 -3.07 19.42
C ALA A 124 -4.87 -3.36 20.77
N ASP A 125 -6.14 -3.00 20.91
CA ASP A 125 -6.94 -3.24 22.07
C ASP A 125 -8.03 -4.32 21.83
N PHE A 126 -7.79 -5.54 22.29
CA PHE A 126 -8.73 -6.62 22.01
C PHE A 126 -10.02 -6.53 22.82
N ILE A 127 -9.97 -5.97 24.01
CA ILE A 127 -11.17 -5.77 24.82
C ILE A 127 -12.07 -4.83 24.05
N GLU A 128 -11.49 -3.73 23.55
CA GLU A 128 -12.23 -2.76 22.76
C GLU A 128 -12.90 -3.41 21.56
N GLU A 129 -12.24 -4.33 20.86
CA GLU A 129 -12.87 -5.07 19.76
C GLU A 129 -14.15 -5.78 20.18
N GLY A 130 -14.04 -6.57 21.24
CA GLY A 130 -15.20 -7.27 21.75
C GLY A 130 -16.26 -6.29 22.17
N ARG A 131 -15.89 -5.23 22.84
CA ARG A 131 -16.85 -4.27 23.29
C ARG A 131 -17.61 -3.66 22.16
N ARG A 132 -16.91 -3.30 21.09
CA ARG A 132 -17.61 -2.69 19.93
C ARG A 132 -18.56 -3.70 19.28
N ALA A 133 -18.16 -4.96 19.23
CA ALA A 133 -19.01 -5.99 18.66
C ALA A 133 -20.31 -6.08 19.52
N GLY A 134 -20.14 -6.12 20.84
CA GLY A 134 -21.28 -6.19 21.78
C GLY A 134 -22.19 -4.99 21.68
N GLN A 135 -21.59 -3.83 21.53
CA GLN A 135 -22.32 -2.61 21.48
C GLN A 135 -23.15 -2.52 20.20
N TRP A 136 -22.67 -3.09 19.11
CA TRP A 136 -23.44 -3.15 17.89
C TRP A 136 -24.63 -4.03 18.09
N VAL A 137 -24.47 -5.16 18.75
CA VAL A 137 -25.61 -6.03 19.04
C VAL A 137 -26.64 -5.26 19.88
N ALA A 138 -26.19 -4.60 20.93
CA ALA A 138 -27.09 -3.83 21.77
C ALA A 138 -27.85 -2.79 20.99
N ASP A 139 -27.15 -2.07 20.11
CA ASP A 139 -27.77 -1.06 19.26
C ASP A 139 -28.79 -1.66 18.30
N GLN A 140 -28.45 -2.75 17.64
CA GLN A 140 -29.34 -3.31 16.63
C GLN A 140 -30.60 -3.92 17.21
N TYR A 141 -30.52 -4.40 18.44
CA TYR A 141 -31.63 -5.07 19.04
C TYR A 141 -32.20 -4.26 20.21
N ALA A 142 -32.01 -2.96 20.23
CA ALA A 142 -32.51 -2.15 21.35
C ALA A 142 -34.04 -2.29 21.46
N SER A 143 -34.71 -2.43 20.33
CA SER A 143 -36.17 -2.67 20.31
C SER A 143 -36.64 -4.13 20.13
N ALA A 144 -35.81 -5.13 20.44
CA ALA A 144 -36.28 -6.49 20.27
C ALA A 144 -37.52 -6.70 21.09
N THR A 145 -38.51 -7.36 20.49
CA THR A 145 -39.76 -7.69 21.20
C THR A 145 -39.72 -9.13 21.75
N GLY A 146 -38.56 -9.77 21.71
CA GLY A 146 -38.36 -11.10 22.35
C GLY A 146 -36.92 -11.24 22.82
N PRO A 147 -36.62 -12.28 23.58
CA PRO A 147 -35.25 -12.40 24.05
C PRO A 147 -34.25 -12.46 22.90
N VAL A 148 -33.04 -11.95 23.12
CA VAL A 148 -32.01 -12.02 22.06
C VAL A 148 -30.92 -13.03 22.47
N ASN A 149 -30.95 -14.17 21.80
CA ASN A 149 -30.03 -15.25 22.14
C ASN A 149 -28.77 -15.17 21.28
N ILE A 150 -27.66 -14.97 21.96
CA ILE A 150 -26.37 -14.81 21.32
C ILE A 150 -25.59 -16.09 21.55
N VAL A 151 -24.96 -16.61 20.51
CA VAL A 151 -23.95 -17.63 20.72
C VAL A 151 -22.58 -17.05 20.35
N GLN A 152 -21.56 -17.49 21.07
CA GLN A 152 -20.23 -16.95 20.89
C GLN A 152 -19.22 -18.02 20.53
N LEU A 153 -18.54 -17.78 19.43
CA LEU A 153 -17.43 -18.66 18.99
C LEU A 153 -16.17 -18.00 19.50
N GLU A 154 -15.56 -18.60 20.54
CA GLU A 154 -14.40 -18.04 21.14
C GLU A 154 -13.13 -18.52 20.45
N GLY A 155 -12.10 -17.69 20.54
CA GLY A 155 -10.78 -18.06 20.11
C GLY A 155 -10.16 -19.13 21.03
N THR A 156 -8.96 -19.55 20.69
CA THR A 156 -8.24 -20.54 21.47
C THR A 156 -8.25 -20.25 22.94
N THR A 157 -8.58 -21.27 23.75
CA THR A 157 -8.66 -21.09 25.19
C THR A 157 -7.38 -20.50 25.78
N GLY A 158 -7.51 -19.43 26.53
CA GLY A 158 -6.33 -18.80 27.09
C GLY A 158 -5.60 -17.79 26.22
N ALA A 159 -5.93 -17.70 24.93
CA ALA A 159 -5.22 -16.75 24.06
C ALA A 159 -5.62 -15.34 24.46
N ASP A 160 -4.66 -14.42 24.48
CA ASP A 160 -4.91 -13.09 24.98
C ASP A 160 -6.11 -12.44 24.29
N PRO A 161 -6.17 -12.44 22.94
CA PRO A 161 -7.33 -11.84 22.26
C PRO A 161 -8.63 -12.57 22.50
N ALA A 162 -8.57 -13.88 22.73
CA ALA A 162 -9.80 -14.62 23.07
C ALA A 162 -10.40 -14.21 24.44
N ILE A 163 -9.57 -14.12 25.47
CA ILE A 163 -9.96 -13.72 26.79
C ILE A 163 -10.49 -12.29 26.73
N ASP A 164 -9.77 -11.44 26.04
CA ASP A 164 -10.12 -10.02 26.01
C ASP A 164 -11.35 -9.72 25.17
N ARG A 165 -11.51 -10.37 24.02
CA ARG A 165 -12.68 -10.18 23.23
C ARG A 165 -13.93 -10.67 23.98
N LYS A 166 -13.79 -11.72 24.76
CA LYS A 166 -14.92 -12.23 25.57
C LYS A 166 -15.29 -11.20 26.63
N THR A 167 -14.28 -10.69 27.31
CA THR A 167 -14.48 -9.66 28.33
C THR A 167 -15.15 -8.46 27.73
N GLY A 168 -14.64 -8.02 26.60
CA GLY A 168 -15.19 -6.86 25.92
C GLY A 168 -16.58 -7.03 25.45
N PHE A 169 -16.87 -8.16 24.82
CA PHE A 169 -18.22 -8.39 24.34
C PHE A 169 -19.27 -8.34 25.49
N ALA A 170 -18.90 -8.91 26.63
CA ALA A 170 -19.77 -8.95 27.80
C ALA A 170 -20.06 -7.52 28.28
N GLU A 171 -19.03 -6.69 28.31
CA GLU A 171 -19.20 -5.28 28.56
C GLU A 171 -20.11 -4.59 27.54
N GLY A 172 -19.95 -4.88 26.26
CA GLY A 172 -20.72 -4.20 25.23
C GLY A 172 -22.24 -4.51 25.25
N ILE A 173 -22.60 -5.72 25.71
CA ILE A 173 -24.03 -6.08 25.81
C ILE A 173 -24.60 -5.84 27.22
N SER A 174 -23.77 -5.34 28.13
CA SER A 174 -24.13 -5.29 29.57
C SER A 174 -25.26 -4.32 29.94
N LYS A 175 -25.57 -3.37 29.08
CA LYS A 175 -26.55 -2.36 29.44
C LYS A 175 -27.93 -2.76 28.97
N ASN A 176 -28.06 -3.87 28.24
CA ASN A 176 -29.34 -4.37 27.80
C ASN A 176 -29.49 -5.86 28.15
N PRO A 177 -30.15 -6.18 29.27
CA PRO A 177 -30.18 -7.56 29.77
C PRO A 177 -31.11 -8.53 28.99
N ASN A 178 -31.85 -8.02 28.02
N ASN A 178 -31.85 -8.02 28.01
CA ASN A 178 -32.51 -8.89 27.05
CA ASN A 178 -32.52 -8.88 27.03
C ASN A 178 -31.51 -9.62 26.15
C ASN A 178 -31.50 -9.62 26.14
N LEU A 179 -30.26 -9.15 26.10
CA LEU A 179 -29.21 -9.80 25.33
C LEU A 179 -28.59 -10.83 26.22
N LYS A 180 -28.67 -12.08 25.80
CA LYS A 180 -28.09 -13.14 26.62
C LYS A 180 -27.21 -14.05 25.79
N ILE A 181 -26.03 -14.30 26.30
CA ILE A 181 -25.20 -15.30 25.70
C ILE A 181 -25.67 -16.69 26.17
N VAL A 182 -26.24 -17.47 25.26
CA VAL A 182 -26.82 -18.78 25.64
C VAL A 182 -25.86 -19.93 25.39
N ALA A 183 -24.80 -19.69 24.64
CA ALA A 183 -23.75 -20.71 24.47
C ALA A 183 -22.48 -20.01 24.06
N SER A 184 -21.34 -20.53 24.52
CA SER A 184 -20.05 -19.92 24.29
C SER A 184 -19.01 -21.03 24.34
N GLN A 185 -18.28 -21.22 23.24
CA GLN A 185 -17.35 -22.34 23.15
C GLN A 185 -16.23 -22.00 22.19
N THR A 186 -15.02 -22.50 22.47
CA THR A 186 -13.90 -22.25 21.59
C THR A 186 -14.04 -22.92 20.24
N GLY A 187 -13.78 -22.15 19.18
CA GLY A 187 -13.55 -22.70 17.83
C GLY A 187 -12.09 -22.54 17.38
N ASP A 188 -11.20 -22.19 18.31
CA ASP A 188 -9.75 -22.14 18.09
C ASP A 188 -9.31 -21.25 16.93
N PHE A 189 -10.10 -20.22 16.63
CA PHE A 189 -9.79 -19.28 15.57
C PHE A 189 -9.72 -19.88 14.18
N THR A 190 -10.28 -21.07 13.94
CA THR A 190 -10.20 -21.68 12.62
C THR A 190 -11.58 -21.86 12.01
N ARG A 191 -11.59 -21.95 10.68
CA ARG A 191 -12.80 -22.13 9.94
C ARG A 191 -13.49 -23.42 10.30
N SER A 192 -12.73 -24.51 10.36
CA SER A 192 -13.35 -25.80 10.63
C SER A 192 -13.81 -25.84 12.10
N GLY A 193 -13.07 -25.17 13.00
CA GLY A 193 -13.44 -25.07 14.42
C GLY A 193 -14.75 -24.31 14.57
N GLY A 194 -14.85 -23.17 13.87
CA GLY A 194 -16.08 -22.38 13.90
C GLY A 194 -17.27 -23.12 13.33
N LYS A 195 -17.08 -23.83 12.25
CA LYS A 195 -18.16 -24.61 11.63
C LYS A 195 -18.67 -25.72 12.55
N GLN A 196 -17.74 -26.45 13.15
CA GLN A 196 -18.05 -27.57 14.06
C GLN A 196 -18.82 -27.10 15.31
N VAL A 197 -18.39 -25.98 15.88
CA VAL A 197 -19.03 -25.47 17.07
C VAL A 197 -20.40 -24.89 16.73
N MET A 198 -20.51 -24.19 15.61
CA MET A 198 -21.80 -23.69 15.21
C MET A 198 -22.79 -24.86 14.97
N GLU A 199 -22.33 -25.96 14.40
CA GLU A 199 -23.22 -27.14 14.24
C GLU A 199 -23.73 -27.56 15.59
N ALA A 200 -22.82 -27.62 16.57
CA ALA A 200 -23.20 -28.02 17.91
C ALA A 200 -24.22 -27.05 18.50
N PHE A 201 -24.01 -25.75 18.30
CA PHE A 201 -24.92 -24.74 18.83
C PHE A 201 -26.32 -24.90 18.21
N LEU A 202 -26.38 -25.11 16.91
CA LEU A 202 -27.63 -25.30 16.17
C LEU A 202 -28.39 -26.53 16.71
N LYS A 203 -27.68 -27.54 17.18
CA LYS A 203 -28.29 -28.71 17.78
C LYS A 203 -28.79 -28.46 19.19
N SER A 204 -28.02 -27.74 19.99
CA SER A 204 -28.28 -27.58 21.41
C SER A 204 -29.17 -26.37 21.74
N THR A 205 -29.26 -25.41 20.83
CA THR A 205 -29.88 -24.14 21.12
C THR A 205 -30.99 -23.89 20.12
N PRO A 206 -32.26 -24.00 20.56
CA PRO A 206 -33.37 -23.94 19.58
C PRO A 206 -33.56 -22.55 18.90
N GLN A 207 -33.20 -21.49 19.59
CA GLN A 207 -33.40 -20.15 19.11
C GLN A 207 -32.06 -19.39 19.18
N ILE A 208 -31.47 -19.13 18.02
CA ILE A 208 -30.23 -18.36 17.94
C ILE A 208 -30.49 -17.15 17.10
N ASP A 209 -30.26 -15.99 17.67
CA ASP A 209 -30.49 -14.74 16.93
C ASP A 209 -29.18 -14.21 16.31
N VAL A 210 -28.09 -14.31 17.05
CA VAL A 210 -26.83 -13.69 16.65
C VAL A 210 -25.69 -14.61 17.02
N VAL A 211 -24.72 -14.73 16.11
CA VAL A 211 -23.41 -15.27 16.46
C VAL A 211 -22.35 -14.17 16.54
N PHE A 212 -21.62 -14.15 17.63
CA PHE A 212 -20.45 -13.34 17.75
C PHE A 212 -19.24 -14.26 17.56
N ALA A 213 -18.54 -14.02 16.47
CA ALA A 213 -17.34 -14.80 16.10
C ALA A 213 -16.13 -13.96 16.40
N GLN A 214 -15.28 -14.45 17.28
CA GLN A 214 -14.11 -13.69 17.69
C GLN A 214 -13.03 -13.58 16.62
N ASN A 215 -13.17 -14.25 15.48
CA ASN A 215 -12.39 -13.90 14.29
C ASN A 215 -13.17 -14.24 13.02
N ASP A 216 -12.62 -13.82 11.88
CA ASP A 216 -13.28 -14.00 10.60
C ASP A 216 -13.42 -15.48 10.25
N ASP A 217 -12.38 -16.27 10.46
CA ASP A 217 -12.45 -17.68 10.06
C ASP A 217 -13.57 -18.46 10.74
N MET A 218 -13.70 -18.30 12.04
CA MET A 218 -14.76 -18.94 12.78
C MET A 218 -16.13 -18.47 12.29
N GLY A 219 -16.24 -17.18 12.02
CA GLY A 219 -17.46 -16.61 11.42
C GLY A 219 -17.77 -17.23 10.06
N LEU A 220 -16.75 -17.44 9.23
CA LEU A 220 -17.01 -18.02 7.95
C LEU A 220 -17.41 -19.47 8.07
N GLY A 221 -16.82 -20.19 9.01
CA GLY A 221 -17.22 -21.57 9.32
C GLY A 221 -18.66 -21.65 9.73
N ALA A 222 -19.04 -20.77 10.63
CA ALA A 222 -20.39 -20.67 11.19
C ALA A 222 -21.40 -20.41 10.12
N MET A 223 -21.09 -19.49 9.22
CA MET A 223 -21.91 -19.18 8.07
C MET A 223 -22.20 -20.45 7.24
N GLU A 224 -21.19 -21.29 7.01
CA GLU A 224 -21.41 -22.55 6.30
C GLU A 224 -22.26 -23.52 7.07
N ALA A 225 -22.13 -23.55 8.40
CA ALA A 225 -22.96 -24.45 9.21
C ALA A 225 -24.42 -24.00 9.16
N ILE A 226 -24.60 -22.69 9.20
CA ILE A 226 -25.92 -22.11 9.16
C ILE A 226 -26.58 -22.43 7.83
N GLU A 227 -25.84 -22.29 6.74
CA GLU A 227 -26.32 -22.67 5.43
C GLU A 227 -26.65 -24.17 5.35
N ALA A 228 -25.78 -25.03 5.88
CA ALA A 228 -26.03 -26.47 5.78
C ALA A 228 -27.30 -26.86 6.54
N ALA A 229 -27.61 -26.13 7.60
CA ALA A 229 -28.84 -26.34 8.36
C ALA A 229 -30.05 -25.76 7.65
N GLY A 230 -29.89 -25.31 6.40
CA GLY A 230 -30.97 -24.71 5.63
C GLY A 230 -31.43 -23.36 6.16
N LYS A 231 -30.59 -22.67 6.92
CA LYS A 231 -30.89 -21.31 7.37
C LYS A 231 -30.06 -20.30 6.60
N LYS A 232 -30.41 -19.03 6.72
CA LYS A 232 -29.83 -17.99 5.91
C LYS A 232 -28.95 -17.08 6.77
N PRO A 233 -27.62 -17.24 6.68
CA PRO A 233 -26.76 -16.44 7.56
C PRO A 233 -26.88 -15.01 7.17
N GLY A 234 -26.93 -14.12 8.11
CA GLY A 234 -27.12 -12.71 7.81
C GLY A 234 -28.55 -12.26 7.89
N THR A 235 -29.51 -13.17 7.76
CA THR A 235 -30.94 -12.81 7.92
C THR A 235 -31.61 -13.56 9.05
N ASP A 236 -31.60 -14.88 8.99
CA ASP A 236 -32.19 -15.71 10.06
C ASP A 236 -31.35 -15.66 11.32
N ILE A 237 -30.03 -15.76 11.12
CA ILE A 237 -29.07 -15.65 12.21
C ILE A 237 -28.05 -14.63 11.73
N LYS A 238 -27.91 -13.57 12.48
CA LYS A 238 -26.99 -12.50 12.19
C LYS A 238 -25.60 -12.88 12.73
N ILE A 239 -24.57 -12.37 12.07
CA ILE A 239 -23.19 -12.68 12.44
C ILE A 239 -22.43 -11.37 12.60
N VAL A 240 -21.87 -11.19 13.78
CA VAL A 240 -20.97 -10.05 14.03
C VAL A 240 -19.59 -10.67 14.31
N ALA A 241 -18.55 -10.17 13.63
CA ALA A 241 -17.20 -10.78 13.72
C ALA A 241 -16.11 -9.77 13.91
N VAL A 242 -14.98 -10.22 14.41
CA VAL A 242 -13.77 -9.43 14.45
C VAL A 242 -12.87 -9.81 13.28
N ASP A 243 -12.19 -8.81 12.71
CA ASP A 243 -11.14 -8.93 11.66
C ASP A 243 -11.72 -8.52 10.28
N ALA A 244 -11.27 -7.38 9.79
CA ALA A 244 -11.75 -6.89 8.51
C ALA A 244 -10.84 -7.43 7.41
N THR A 245 -10.85 -8.74 7.24
CA THR A 245 -10.05 -9.38 6.22
C THR A 245 -10.85 -9.42 4.91
N HIS A 246 -10.16 -9.75 3.85
CA HIS A 246 -10.82 -9.85 2.55
C HIS A 246 -12.06 -10.80 2.59
N ASP A 247 -11.90 -12.01 3.12
CA ASP A 247 -12.98 -13.01 3.08
C ASP A 247 -14.12 -12.67 4.02
N GLY A 248 -13.77 -12.07 5.16
CA GLY A 248 -14.75 -11.53 6.09
C GLY A 248 -15.58 -10.45 5.46
N MET A 249 -14.91 -9.48 4.89
CA MET A 249 -15.56 -8.37 4.19
CA MET A 249 -15.57 -8.38 4.20
C MET A 249 -16.37 -8.84 2.98
N GLN A 250 -15.92 -9.90 2.31
CA GLN A 250 -16.68 -10.43 1.19
C GLN A 250 -18.01 -11.02 1.66
N ALA A 251 -17.96 -11.79 2.74
CA ALA A 251 -19.22 -12.29 3.37
C ALA A 251 -20.16 -11.18 3.78
N LEU A 252 -19.62 -10.13 4.34
CA LEU A 252 -20.39 -8.98 4.74
C LEU A 252 -21.01 -8.27 3.55
N ALA A 253 -20.22 -8.07 2.50
CA ALA A 253 -20.72 -7.49 1.27
C ALA A 253 -21.82 -8.37 0.65
N ASP A 254 -21.68 -9.69 0.70
CA ASP A 254 -22.72 -10.62 0.28
C ASP A 254 -23.95 -10.70 1.22
N GLY A 255 -23.96 -9.96 2.32
CA GLY A 255 -25.06 -10.03 3.31
C GLY A 255 -25.08 -11.26 4.20
N LYS A 256 -24.02 -12.03 4.24
CA LYS A 256 -23.95 -13.25 5.07
C LYS A 256 -23.38 -12.98 6.46
N PHE A 257 -22.58 -11.93 6.61
CA PHE A 257 -22.24 -11.35 7.91
C PHE A 257 -23.04 -10.04 7.97
N ASN A 258 -23.19 -9.49 9.17
CA ASN A 258 -23.87 -8.22 9.36
C ASN A 258 -22.97 -7.11 9.82
N TYR A 259 -21.88 -7.45 10.53
CA TYR A 259 -21.01 -6.41 11.04
C TYR A 259 -19.62 -6.99 11.33
N ILE A 260 -18.59 -6.20 10.99
CA ILE A 260 -17.22 -6.51 11.31
C ILE A 260 -16.57 -5.36 12.04
N VAL A 261 -15.77 -5.66 13.06
CA VAL A 261 -14.96 -4.70 13.76
C VAL A 261 -13.51 -5.13 13.74
N GLU A 262 -12.60 -4.19 13.83
CA GLU A 262 -11.17 -4.50 13.98
C GLU A 262 -10.51 -3.36 14.65
N CYS A 263 -9.60 -3.64 15.58
CA CYS A 263 -8.69 -2.68 16.12
C CYS A 263 -7.38 -2.97 15.39
N ASN A 264 -6.86 -1.99 14.67
CA ASN A 264 -5.64 -2.20 13.90
C ASN A 264 -4.38 -2.40 14.78
N PRO A 265 -3.42 -3.12 14.22
CA PRO A 265 -2.08 -2.97 14.78
C PRO A 265 -1.49 -1.61 14.46
N LEU A 266 -0.33 -1.37 15.02
CA LEU A 266 0.48 -0.24 14.65
C LEU A 266 0.55 -0.16 13.13
N LEU A 267 0.47 1.04 12.55
CA LEU A 267 0.48 1.16 11.08
C LEU A 267 1.89 1.48 10.52
N GLY A 268 2.65 2.26 11.27
CA GLY A 268 4.06 2.54 10.89
C GLY A 268 4.38 3.99 11.07
N PRO A 269 3.56 4.88 10.49
CA PRO A 269 3.89 6.29 10.54
C PRO A 269 3.88 6.86 11.92
N GLU A 270 2.98 6.36 12.74
CA GLU A 270 2.92 6.87 14.12
C GLU A 270 4.19 6.45 14.90
N LEU A 271 4.71 5.26 14.66
CA LEU A 271 5.99 4.85 15.24
C LEU A 271 7.11 5.79 14.82
N MET A 272 7.18 6.12 13.53
CA MET A 272 8.26 7.01 13.04
C MET A 272 8.10 8.40 13.66
N ASP A 273 6.88 8.89 13.73
CA ASP A 273 6.62 10.17 14.36
C ASP A 273 6.98 10.19 15.86
N LEU A 274 6.59 9.15 16.59
CA LEU A 274 7.00 9.00 17.96
C LEU A 274 8.50 8.85 18.13
N ALA A 275 9.15 8.14 17.25
CA ALA A 275 10.59 8.01 17.33
C ALA A 275 11.27 9.39 17.24
N LYS A 276 10.79 10.21 16.31
CA LYS A 276 11.31 11.58 16.21
C LYS A 276 11.07 12.39 17.48
N LYS A 277 9.88 12.26 18.08
CA LYS A 277 9.55 13.00 19.28
C LYS A 277 10.45 12.57 20.43
N VAL A 278 10.59 11.26 20.65
CA VAL A 278 11.35 10.82 21.80
C VAL A 278 12.86 11.11 21.60
N ALA A 279 13.36 11.06 20.39
CA ALA A 279 14.75 11.38 20.14
C ALA A 279 15.04 12.88 20.45
N ALA A 280 14.06 13.72 20.23
CA ALA A 280 14.16 15.13 20.54
C ALA A 280 13.86 15.46 22.00
N GLY A 281 13.51 14.48 22.84
CA GLY A 281 13.20 14.74 24.25
C GLY A 281 11.80 15.28 24.41
N GLU A 282 10.93 15.16 23.41
CA GLU A 282 9.55 15.63 23.61
C GLU A 282 8.80 14.59 24.42
N PRO A 283 8.11 15.01 25.52
CA PRO A 283 7.37 14.05 26.31
C PRO A 283 6.25 13.46 25.49
N VAL A 284 6.00 12.17 25.66
CA VAL A 284 4.92 11.51 24.94
C VAL A 284 4.05 10.73 25.91
N PRO A 285 2.81 10.47 25.54
CA PRO A 285 1.94 9.63 26.37
C PRO A 285 2.44 8.19 26.40
N GLU A 286 2.17 7.51 27.53
CA GLU A 286 2.67 6.17 27.77
C GLU A 286 1.97 5.13 26.89
N ARG A 287 0.85 5.51 26.31
CA ARG A 287 0.14 4.68 25.36
C ARG A 287 -0.32 5.53 24.18
N VAL A 288 -0.21 5.01 22.96
CA VAL A 288 -0.74 5.66 21.78
C VAL A 288 -1.65 4.64 21.15
N VAL A 289 -2.86 5.06 20.80
CA VAL A 289 -3.87 4.16 20.30
C VAL A 289 -3.76 3.91 18.83
N THR A 290 -4.15 2.74 18.40
CA THR A 290 -4.13 2.43 16.99
C THR A 290 -5.49 2.82 16.41
N PRO A 291 -5.56 3.00 15.10
CA PRO A 291 -6.86 3.18 14.49
C PRO A 291 -7.77 1.96 14.45
N ASP A 292 -9.05 2.21 14.21
CA ASP A 292 -10.07 1.21 14.12
C ASP A 292 -10.72 1.13 12.77
N GLU A 293 -11.33 -0.02 12.48
CA GLU A 293 -12.16 -0.24 11.32
C GLU A 293 -13.46 -0.84 11.78
N ALA A 294 -14.54 -0.57 11.04
CA ALA A 294 -15.85 -1.22 11.28
C ALA A 294 -16.62 -1.15 9.97
N PHE A 295 -17.33 -2.20 9.62
CA PHE A 295 -18.13 -2.19 8.41
C PHE A 295 -19.44 -2.89 8.64
N ASP A 296 -20.51 -2.27 8.18
CA ASP A 296 -21.74 -2.99 7.89
C ASP A 296 -21.72 -3.40 6.43
N GLN A 297 -22.83 -3.96 5.93
N GLN A 297 -22.82 -3.95 5.93
CA GLN A 297 -22.86 -4.51 4.56
CA GLN A 297 -22.88 -4.51 4.59
C GLN A 297 -22.66 -3.42 3.51
C GLN A 297 -22.66 -3.43 3.51
N ALA A 298 -23.35 -2.31 3.66
CA ALA A 298 -23.24 -1.21 2.68
C ALA A 298 -21.81 -0.70 2.63
N GLN A 299 -21.19 -0.51 3.80
CA GLN A 299 -19.83 0.00 3.84
C GLN A 299 -18.86 -1.03 3.21
N ALA A 300 -19.05 -2.33 3.46
CA ALA A 300 -18.13 -3.32 2.91
C ALA A 300 -18.25 -3.39 1.37
N LYS A 301 -19.47 -3.22 0.88
CA LYS A 301 -19.76 -3.29 -0.57
C LYS A 301 -19.08 -2.15 -1.30
N ALA A 302 -19.03 -0.97 -0.69
CA ALA A 302 -18.26 0.16 -1.24
C ALA A 302 -16.72 -0.02 -1.12
N ALA A 303 -16.27 -0.40 0.07
CA ALA A 303 -14.84 -0.44 0.37
C ALA A 303 -14.11 -1.62 -0.30
N LEU A 304 -14.66 -2.83 -0.21
CA LEU A 304 -13.94 -4.02 -0.58
C LEU A 304 -13.42 -4.03 -2.03
N PRO A 305 -14.31 -3.88 -3.05
CA PRO A 305 -13.81 -3.96 -4.44
C PRO A 305 -12.76 -2.89 -4.72
N ASN A 306 -12.82 -1.79 -3.99
CA ASN A 306 -11.92 -0.68 -4.19
C ASN A 306 -10.53 -0.85 -3.60
N ARG A 307 -10.39 -1.71 -2.60
CA ARG A 307 -9.13 -1.84 -1.89
C ARG A 307 -7.94 -2.10 -2.77
N GLN A 308 -8.11 -2.95 -3.77
CA GLN A 308 -7.02 -3.29 -4.67
C GLN A 308 -6.46 -2.01 -5.34
N TYR A 309 -7.34 -1.08 -5.67
CA TYR A 309 -6.97 0.15 -6.41
C TYR A 309 -6.27 1.12 -5.49
N LYS A 310 -6.77 1.26 -4.25
CA LYS A 310 -6.10 2.12 -3.28
C LYS A 310 -4.73 1.57 -2.90
N LEU A 311 -4.65 0.26 -2.73
CA LEU A 311 -3.39 -0.38 -2.44
C LEU A 311 -2.38 -0.16 -3.61
N ALA A 312 -2.86 -0.36 -4.84
CA ALA A 312 -1.98 -0.27 -5.99
C ALA A 312 -1.46 1.17 -6.17
N ALA A 313 -2.33 2.15 -5.98
CA ALA A 313 -1.91 3.54 -6.09
C ALA A 313 -0.84 3.88 -5.04
N ALA A 314 -1.08 3.52 -3.80
CA ALA A 314 -0.12 3.71 -2.74
C ALA A 314 1.22 3.02 -3.02
N LEU A 315 1.19 1.77 -3.47
CA LEU A 315 2.42 1.07 -3.77
C LEU A 315 3.17 1.75 -4.91
N GLU A 316 2.44 2.30 -5.86
CA GLU A 316 3.06 2.98 -7.00
C GLU A 316 3.78 4.23 -6.50
N HIS A 317 3.14 5.03 -5.67
CA HIS A 317 3.80 6.26 -5.22
C HIS A 317 5.05 5.85 -4.45
N HIS A 318 4.93 4.80 -3.63
CA HIS A 318 5.98 4.47 -2.69
C HIS A 318 7.19 3.85 -3.38
N HIS A 319 6.96 3.20 -4.50
CA HIS A 319 8.00 2.50 -5.23
C HIS A 319 9.09 3.44 -5.75
N HIS A 320 8.80 4.73 -5.85
CA HIS A 320 9.86 5.69 -6.18
C HIS A 320 10.94 5.76 -5.10
N HIS A 321 10.69 5.24 -3.88
CA HIS A 321 11.72 5.12 -2.86
C HIS A 321 12.67 3.97 -3.10
N HIS A 322 12.41 3.09 -4.06
CA HIS A 322 13.17 1.86 -4.22
C HIS A 322 14.15 1.92 -5.41
N GLY B 18 -11.46 -23.08 -10.49
CA GLY B 18 -11.29 -22.24 -11.72
C GLY B 18 -10.88 -20.80 -11.44
N ALA B 19 -9.93 -20.60 -10.53
CA ALA B 19 -9.26 -19.31 -10.38
C ALA B 19 -8.44 -19.09 -11.69
N LEU B 20 -8.48 -17.91 -12.23
CA LEU B 20 -7.66 -17.55 -13.38
C LEU B 20 -6.19 -17.83 -13.07
N THR B 21 -5.46 -18.47 -13.99
CA THR B 21 -4.01 -18.65 -13.82
C THR B 21 -3.27 -17.73 -14.79
N LEU B 22 -2.42 -16.89 -14.22
CA LEU B 22 -1.71 -15.87 -14.92
C LEU B 22 -0.23 -16.12 -14.74
N GLY B 23 0.47 -16.34 -15.84
CA GLY B 23 1.91 -16.39 -15.81
C GLY B 23 2.50 -15.00 -16.05
N PHE B 24 3.38 -14.58 -15.18
CA PHE B 24 4.05 -13.28 -15.33
C PHE B 24 5.55 -13.42 -15.34
N ALA B 25 6.19 -13.06 -16.45
CA ALA B 25 7.66 -13.12 -16.56
C ALA B 25 8.23 -11.77 -16.36
N GLN B 26 8.73 -11.55 -15.14
CA GLN B 26 9.28 -10.28 -14.73
C GLN B 26 10.69 -10.15 -15.27
N VAL B 27 11.15 -8.90 -15.35
CA VAL B 27 12.51 -8.61 -15.82
C VAL B 27 13.56 -8.92 -14.73
N GLY B 28 13.48 -8.26 -13.57
CA GLY B 28 14.53 -8.28 -12.52
C GLY B 28 15.28 -6.94 -12.37
N ALA B 36 9.57 -1.92 -12.86
CA ALA B 36 10.11 -3.04 -12.08
C ALA B 36 9.49 -3.08 -10.67
N ASN B 37 8.15 -3.11 -10.65
CA ASN B 37 7.41 -3.25 -9.40
C ASN B 37 6.71 -4.62 -9.19
N THR B 38 7.45 -5.55 -8.62
CA THR B 38 6.89 -6.90 -8.43
C THR B 38 5.89 -6.95 -7.24
N GLU B 39 6.07 -6.07 -6.24
CA GLU B 39 5.18 -6.05 -5.09
C GLU B 39 3.74 -5.71 -5.54
N SER B 40 3.61 -4.84 -6.55
CA SER B 40 2.32 -4.44 -7.06
C SER B 40 1.61 -5.55 -7.79
N ILE B 41 2.36 -6.36 -8.52
CA ILE B 41 1.77 -7.44 -9.26
C ILE B 41 1.36 -8.56 -8.30
N LYS B 42 2.25 -8.92 -7.41
CA LYS B 42 1.98 -10.00 -6.49
C LYS B 42 0.76 -9.66 -5.60
N SER B 43 0.75 -8.46 -5.06
CA SER B 43 -0.35 -8.02 -4.20
C SER B 43 -1.69 -7.89 -4.92
N ALA B 44 -1.65 -7.39 -6.15
CA ALA B 44 -2.84 -7.31 -6.95
C ALA B 44 -3.40 -8.66 -7.29
N ALA B 45 -2.57 -9.65 -7.53
CA ALA B 45 -3.07 -10.98 -7.81
C ALA B 45 -3.74 -11.62 -6.59
N GLU B 46 -3.15 -11.41 -5.41
CA GLU B 46 -3.76 -11.84 -4.14
C GLU B 46 -5.14 -11.19 -3.99
N GLU B 47 -5.20 -9.88 -4.18
CA GLU B 47 -6.47 -9.19 -4.11
C GLU B 47 -7.52 -9.65 -5.13
N ALA B 48 -7.11 -9.99 -6.35
CA ALA B 48 -8.08 -10.40 -7.37
C ALA B 48 -8.41 -11.86 -7.33
N GLY B 49 -7.76 -12.64 -6.47
CA GLY B 49 -7.97 -14.07 -6.45
C GLY B 49 -7.41 -14.78 -7.69
N VAL B 50 -6.31 -14.26 -8.22
CA VAL B 50 -5.68 -14.81 -9.37
C VAL B 50 -4.54 -15.72 -8.90
N ASN B 51 -4.42 -16.87 -9.54
CA ASN B 51 -3.33 -17.78 -9.27
C ASN B 51 -2.15 -17.35 -10.14
N LEU B 52 -1.19 -16.67 -9.52
CA LEU B 52 -0.08 -16.03 -10.24
C LEU B 52 1.10 -16.96 -10.28
N LYS B 53 1.62 -17.24 -11.48
CA LYS B 53 2.85 -18.01 -11.61
C LYS B 53 3.89 -17.04 -12.05
N PHE B 54 4.75 -16.73 -11.11
CA PHE B 54 5.74 -15.67 -11.25
C PHE B 54 7.09 -16.25 -11.63
N ALA B 55 7.75 -15.68 -12.65
CA ALA B 55 9.15 -15.99 -12.90
C ALA B 55 9.95 -14.69 -12.89
N ASP B 56 11.22 -14.80 -12.48
CA ASP B 56 12.21 -13.69 -12.49
C ASP B 56 13.34 -14.05 -13.48
N ALA B 57 13.51 -13.21 -14.49
CA ALA B 57 14.52 -13.43 -15.53
C ALA B 57 15.93 -12.91 -15.16
N ASN B 58 16.05 -12.15 -14.08
CA ASN B 58 17.34 -11.57 -13.70
C ASN B 58 18.00 -10.82 -14.87
N GLY B 59 17.25 -9.94 -15.54
CA GLY B 59 17.75 -9.18 -16.70
C GLY B 59 18.03 -9.95 -18.00
N GLU B 60 17.73 -11.24 -18.08
CA GLU B 60 18.11 -12.04 -19.25
C GLU B 60 16.98 -12.53 -20.14
N GLN B 61 17.01 -12.16 -21.42
CA GLN B 61 15.92 -12.49 -22.32
C GLN B 61 15.71 -13.99 -22.49
N GLU B 62 16.78 -14.79 -22.53
CA GLU B 62 16.63 -16.21 -22.74
C GLU B 62 15.81 -16.84 -21.63
N LYS B 63 16.03 -16.40 -20.39
CA LYS B 63 15.29 -16.84 -19.23
C LYS B 63 13.81 -16.36 -19.24
N GLN B 64 13.53 -15.14 -19.71
CA GLN B 64 12.13 -14.72 -19.93
C GLN B 64 11.46 -15.58 -20.96
N ILE B 65 12.13 -15.81 -22.09
CA ILE B 65 11.58 -16.64 -23.13
C ILE B 65 11.31 -18.04 -22.63
N SER B 66 12.20 -18.61 -21.81
CA SER B 66 11.96 -19.96 -21.29
C SER B 66 10.81 -19.95 -20.28
N ALA B 67 10.73 -18.92 -19.45
CA ALA B 67 9.57 -18.84 -18.53
C ALA B 67 8.25 -18.82 -19.34
N ILE B 68 8.19 -18.06 -20.41
CA ILE B 68 7.01 -18.02 -21.25
C ILE B 68 6.69 -19.39 -21.81
N ARG B 69 7.70 -20.10 -22.29
CA ARG B 69 7.46 -21.44 -22.84
C ARG B 69 6.96 -22.38 -21.77
N SER B 70 7.52 -22.27 -20.56
CA SER B 70 7.04 -23.05 -19.43
C SER B 70 5.57 -22.74 -19.08
N PHE B 71 5.18 -21.47 -19.16
CA PHE B 71 3.78 -21.13 -18.95
C PHE B 71 2.90 -21.78 -20.00
N ILE B 72 3.36 -21.83 -21.25
CA ILE B 72 2.59 -22.49 -22.29
C ILE B 72 2.43 -23.98 -21.92
N GLN B 73 3.53 -24.62 -21.53
CA GLN B 73 3.52 -26.03 -21.05
C GLN B 73 2.58 -26.22 -19.88
N GLN B 74 2.56 -25.29 -18.93
CA GLN B 74 1.65 -25.39 -17.78
C GLN B 74 0.18 -25.13 -18.11
N GLY B 75 -0.15 -24.72 -19.34
CA GLY B 75 -1.50 -24.35 -19.74
C GLY B 75 -2.14 -23.17 -18.99
N VAL B 76 -1.36 -22.15 -18.66
CA VAL B 76 -1.94 -20.99 -18.00
C VAL B 76 -2.98 -20.34 -18.89
N ASP B 77 -3.87 -19.55 -18.31
CA ASP B 77 -4.94 -18.90 -19.06
C ASP B 77 -4.47 -17.64 -19.78
N VAL B 78 -3.54 -16.94 -19.14
CA VAL B 78 -3.02 -15.66 -19.65
C VAL B 78 -1.54 -15.56 -19.34
N ILE B 79 -0.78 -14.96 -20.25
CA ILE B 79 0.63 -14.73 -20.04
C ILE B 79 0.89 -13.24 -20.15
N ALA B 80 1.63 -12.71 -19.19
CA ALA B 80 2.05 -11.32 -19.26
C ALA B 80 3.48 -11.25 -18.96
N PHE B 81 4.14 -10.22 -19.50
CA PHE B 81 5.53 -10.01 -19.21
C PHE B 81 5.95 -8.61 -19.52
N SER B 82 7.06 -8.25 -18.90
CA SER B 82 7.71 -6.96 -19.08
C SER B 82 8.99 -7.22 -19.89
N PRO B 83 8.97 -7.00 -21.21
CA PRO B 83 10.05 -7.41 -22.11
C PRO B 83 11.41 -6.77 -21.73
N VAL B 84 12.46 -7.56 -21.52
CA VAL B 84 13.77 -6.99 -21.12
C VAL B 84 14.32 -6.10 -22.23
N VAL B 85 14.04 -6.52 -23.46
CA VAL B 85 14.56 -5.88 -24.64
C VAL B 85 13.43 -5.83 -25.68
N ARG B 86 13.50 -4.90 -26.63
CA ARG B 86 12.42 -4.76 -27.62
C ARG B 86 12.34 -5.87 -28.66
N THR B 87 13.46 -6.53 -28.91
CA THR B 87 13.65 -7.38 -30.08
C THR B 87 13.61 -8.81 -29.64
N GLY B 88 13.37 -9.70 -30.59
CA GLY B 88 13.51 -11.12 -30.31
C GLY B 88 12.28 -11.86 -29.87
N TRP B 89 11.10 -11.21 -29.92
CA TRP B 89 9.88 -11.84 -29.40
C TRP B 89 8.99 -12.56 -30.39
N ASP B 90 9.27 -12.38 -31.69
CA ASP B 90 8.34 -12.85 -32.70
C ASP B 90 8.10 -14.37 -32.61
N ALA B 91 9.14 -15.14 -32.33
CA ALA B 91 9.00 -16.60 -32.24
C ALA B 91 8.14 -17.02 -31.07
N VAL B 92 8.48 -16.57 -29.88
CA VAL B 92 7.74 -17.03 -28.71
C VAL B 92 6.26 -16.51 -28.74
N LEU B 93 6.05 -15.34 -29.33
CA LEU B 93 4.68 -14.82 -29.46
C LEU B 93 3.89 -15.62 -30.48
N GLN B 94 4.56 -16.21 -31.49
CA GLN B 94 3.86 -17.16 -32.36
C GLN B 94 3.42 -18.38 -31.60
N GLU B 95 4.25 -18.83 -30.68
CA GLU B 95 3.92 -19.97 -29.84
C GLU B 95 2.78 -19.72 -28.90
N THR B 96 2.67 -18.52 -28.37
CA THR B 96 1.53 -18.23 -27.52
C THR B 96 0.29 -18.10 -28.34
N LYS B 97 0.38 -17.46 -29.51
CA LYS B 97 -0.76 -17.34 -30.38
C LYS B 97 -1.25 -18.73 -30.75
N ASN B 98 -0.32 -19.61 -31.14
CA ASN B 98 -0.67 -20.96 -31.55
C ASN B 98 -1.28 -21.75 -30.43
N ALA B 99 -0.83 -21.50 -29.19
CA ALA B 99 -1.44 -22.20 -28.05
C ALA B 99 -2.76 -21.57 -27.59
N GLY B 100 -3.20 -20.50 -28.23
CA GLY B 100 -4.41 -19.78 -27.85
C GLY B 100 -4.34 -19.10 -26.49
N ILE B 101 -3.13 -18.77 -26.00
CA ILE B 101 -2.97 -18.08 -24.75
C ILE B 101 -2.78 -16.58 -24.99
N PRO B 102 -3.73 -15.75 -24.52
CA PRO B 102 -3.57 -14.32 -24.75
C PRO B 102 -2.39 -13.76 -24.00
N VAL B 103 -1.78 -12.72 -24.57
CA VAL B 103 -0.62 -12.10 -24.01
C VAL B 103 -0.81 -10.63 -23.73
N ILE B 104 -0.35 -10.20 -22.56
CA ILE B 104 -0.39 -8.82 -22.15
C ILE B 104 1.05 -8.36 -21.91
N LEU B 105 1.45 -7.23 -22.51
CA LEU B 105 2.79 -6.64 -22.30
C LEU B 105 2.74 -5.52 -21.32
N THR B 106 3.74 -5.40 -20.46
CA THR B 106 3.74 -4.40 -19.47
C THR B 106 5.06 -3.63 -19.47
N ASP B 107 4.92 -2.35 -19.21
CA ASP B 107 6.01 -1.40 -18.99
C ASP B 107 7.01 -1.09 -20.14
N ARG B 108 7.34 -2.05 -20.99
CA ARG B 108 8.38 -1.87 -22.00
C ARG B 108 7.83 -2.44 -23.28
N ALA B 109 8.05 -1.76 -24.38
CA ALA B 109 7.39 -2.15 -25.63
C ALA B 109 8.21 -3.19 -26.34
N VAL B 110 7.58 -3.98 -27.20
CA VAL B 110 8.32 -4.81 -28.15
C VAL B 110 8.18 -4.27 -29.56
N ASP B 111 9.12 -4.63 -30.42
N ASP B 111 9.09 -4.62 -30.46
CA ASP B 111 8.96 -4.40 -31.86
CA ASP B 111 8.84 -4.32 -31.87
C ASP B 111 8.59 -5.75 -32.41
C ASP B 111 8.67 -5.65 -32.58
N THR B 112 7.46 -5.90 -33.07
CA THR B 112 7.13 -7.19 -33.65
C THR B 112 6.70 -7.00 -35.07
N GLN B 113 6.82 -8.09 -35.84
CA GLN B 113 6.13 -8.21 -37.13
C GLN B 113 4.64 -8.50 -36.86
N ASP B 114 3.82 -7.44 -36.77
CA ASP B 114 2.35 -7.56 -36.50
C ASP B 114 1.92 -7.48 -35.04
N THR B 115 1.20 -6.42 -34.65
CA THR B 115 0.81 -6.24 -33.26
C THR B 115 -0.38 -7.05 -32.79
N ASP B 116 -1.00 -7.85 -33.67
CA ASP B 116 -2.08 -8.75 -33.21
C ASP B 116 -1.59 -10.03 -32.50
N VAL B 117 -0.31 -10.12 -32.20
CA VAL B 117 0.25 -11.24 -31.43
C VAL B 117 0.26 -10.96 -29.89
N TYR B 118 -0.22 -9.79 -29.49
CA TYR B 118 -0.50 -9.53 -28.08
C TYR B 118 -1.75 -8.66 -27.99
N LYS B 119 -2.45 -8.73 -26.87
CA LYS B 119 -3.75 -8.12 -26.73
C LYS B 119 -3.63 -6.68 -26.31
N THR B 120 -2.80 -6.41 -25.33
CA THR B 120 -2.76 -5.11 -24.72
C THR B 120 -1.40 -4.81 -24.13
N PHE B 121 -1.09 -3.53 -24.12
CA PHE B 121 0.07 -2.99 -23.49
C PHE B 121 -0.36 -2.12 -22.33
N ILE B 122 0.27 -2.34 -21.18
CA ILE B 122 0.07 -1.55 -19.99
C ILE B 122 1.35 -0.84 -19.59
N GLY B 123 1.32 0.49 -19.67
CA GLY B 123 2.49 1.26 -19.28
C GLY B 123 2.20 2.75 -19.35
N ALA B 124 3.17 3.56 -18.95
CA ALA B 124 2.99 4.99 -18.93
C ALA B 124 3.01 5.45 -20.38
N ASP B 125 2.24 6.47 -20.65
CA ASP B 125 2.23 7.22 -21.91
C ASP B 125 3.08 8.51 -21.77
N PHE B 126 4.32 8.45 -22.24
CA PHE B 126 5.27 9.51 -22.04
C PHE B 126 4.93 10.72 -22.94
N ILE B 127 4.33 10.51 -24.10
CA ILE B 127 3.85 11.64 -24.95
C ILE B 127 2.84 12.41 -24.18
N GLU B 128 1.90 11.72 -23.59
CA GLU B 128 0.84 12.35 -22.82
C GLU B 128 1.42 13.13 -21.65
N GLU B 129 2.47 12.62 -21.01
CA GLU B 129 3.12 13.39 -19.90
C GLU B 129 3.64 14.71 -20.40
N GLY B 130 4.40 14.67 -21.49
CA GLY B 130 4.93 15.88 -22.08
C GLY B 130 3.81 16.80 -22.45
N ARG B 131 2.77 16.26 -23.08
CA ARG B 131 1.64 17.10 -23.47
C ARG B 131 0.98 17.80 -22.32
N ARG B 132 0.77 17.10 -21.23
CA ARG B 132 0.17 17.76 -20.07
C ARG B 132 1.10 18.83 -19.44
N ALA B 133 2.41 18.59 -19.47
CA ALA B 133 3.37 19.60 -18.98
C ALA B 133 3.24 20.86 -19.87
N GLY B 134 3.25 20.65 -21.18
CA GLY B 134 3.11 21.74 -22.17
C GLY B 134 1.82 22.50 -22.02
N GLN B 135 0.74 21.77 -21.82
CA GLN B 135 -0.56 22.35 -21.70
C GLN B 135 -0.68 23.22 -20.46
N TRP B 136 -0.02 22.84 -19.37
CA TRP B 136 0.00 23.66 -18.20
C TRP B 136 0.72 24.98 -18.50
N VAL B 137 1.82 24.90 -19.23
CA VAL B 137 2.52 26.14 -19.58
C VAL B 137 1.60 27.05 -20.44
N ALA B 138 0.96 26.47 -21.44
CA ALA B 138 0.02 27.23 -22.25
C ALA B 138 -1.08 27.87 -21.43
N ASP B 139 -1.64 27.14 -20.47
CA ASP B 139 -2.67 27.68 -19.58
C ASP B 139 -2.16 28.80 -18.69
N GLN B 140 -0.97 28.66 -18.13
CA GLN B 140 -0.43 29.68 -17.23
C GLN B 140 -0.12 31.00 -17.94
N TYR B 141 0.24 30.95 -19.22
CA TYR B 141 0.59 32.14 -19.94
C TYR B 141 -0.38 32.38 -21.09
N ALA B 142 -1.64 31.99 -20.92
CA ALA B 142 -2.62 32.10 -22.02
C ALA B 142 -2.73 33.55 -22.48
N SER B 143 -2.68 34.46 -21.50
CA SER B 143 -2.80 35.89 -21.71
C SER B 143 -1.44 36.52 -21.54
N ALA B 144 -0.65 36.44 -22.60
CA ALA B 144 0.63 37.10 -22.66
C ALA B 144 0.88 37.54 -24.10
N THR B 145 1.31 38.79 -24.27
CA THR B 145 1.68 39.30 -25.59
C THR B 145 3.20 39.24 -25.79
N GLY B 146 3.95 39.18 -24.69
CA GLY B 146 5.41 39.11 -24.78
C GLY B 146 5.85 37.68 -25.09
N PRO B 147 7.04 37.52 -25.65
CA PRO B 147 7.56 36.16 -25.72
C PRO B 147 7.66 35.52 -24.32
N VAL B 148 7.45 34.20 -24.27
CA VAL B 148 7.64 33.37 -23.10
C VAL B 148 8.72 32.33 -23.47
N ASN B 149 9.88 32.46 -22.84
CA ASN B 149 11.01 31.64 -23.20
C ASN B 149 11.11 30.41 -22.31
N ILE B 150 11.06 29.26 -22.96
CA ILE B 150 11.09 27.96 -22.32
C ILE B 150 12.42 27.34 -22.57
N VAL B 151 13.05 26.80 -21.52
CA VAL B 151 14.17 25.91 -21.76
C VAL B 151 13.78 24.49 -21.33
N GLN B 152 14.36 23.50 -21.98
CA GLN B 152 13.97 22.12 -21.74
C GLN B 152 15.16 21.27 -21.37
N LEU B 153 15.03 20.59 -20.24
CA LEU B 153 16.06 19.65 -19.84
C LEU B 153 15.59 18.26 -20.27
N GLU B 154 16.24 17.69 -21.29
CA GLU B 154 15.81 16.43 -21.85
C GLU B 154 16.46 15.26 -21.15
N GLY B 155 15.75 14.15 -21.20
CA GLY B 155 16.30 12.88 -20.76
C GLY B 155 17.42 12.37 -21.67
N THR B 156 18.00 11.28 -21.23
CA THR B 156 19.03 10.59 -21.95
C THR B 156 18.76 10.47 -23.45
N THR B 157 19.77 10.86 -24.21
CA THR B 157 19.70 10.88 -25.66
C THR B 157 19.34 9.50 -26.20
N GLY B 158 18.30 9.43 -27.00
CA GLY B 158 17.89 8.15 -27.57
C GLY B 158 16.92 7.36 -26.72
N ALA B 159 16.69 7.75 -25.48
CA ALA B 159 15.72 7.05 -24.66
C ALA B 159 14.27 7.32 -25.14
N ASP B 160 13.48 6.26 -25.17
CA ASP B 160 12.08 6.34 -25.53
C ASP B 160 11.33 7.46 -24.79
N PRO B 161 11.41 7.51 -23.43
CA PRO B 161 10.64 8.51 -22.69
C PRO B 161 11.08 9.94 -22.96
N ALA B 162 12.36 10.12 -23.27
CA ALA B 162 12.91 11.43 -23.55
C ALA B 162 12.37 11.97 -24.91
N ILE B 163 12.38 11.12 -25.93
CA ILE B 163 11.90 11.49 -27.26
C ILE B 163 10.40 11.77 -27.18
N ASP B 164 9.69 10.92 -26.44
CA ASP B 164 8.24 11.08 -26.33
C ASP B 164 7.81 12.27 -25.50
N ARG B 165 8.47 12.55 -24.37
CA ARG B 165 8.12 13.72 -23.61
C ARG B 165 8.39 15.01 -24.41
N LYS B 166 9.43 14.98 -25.22
CA LYS B 166 9.77 16.15 -26.06
C LYS B 166 8.65 16.35 -27.09
N THR B 167 8.22 15.27 -27.71
CA THR B 167 7.13 15.32 -28.68
C THR B 167 5.89 15.84 -28.04
N GLY B 168 5.55 15.28 -26.89
CA GLY B 168 4.34 15.72 -26.21
C GLY B 168 4.37 17.17 -25.76
N PHE B 169 5.50 17.59 -25.19
CA PHE B 169 5.57 18.99 -24.73
C PHE B 169 5.35 19.99 -25.91
N ALA B 170 5.93 19.67 -27.04
CA ALA B 170 5.86 20.50 -28.25
C ALA B 170 4.43 20.63 -28.67
N GLU B 171 3.69 19.51 -28.65
CA GLU B 171 2.26 19.52 -28.84
C GLU B 171 1.53 20.39 -27.89
N GLY B 172 1.83 20.24 -26.60
CA GLY B 172 1.10 20.95 -25.56
C GLY B 172 1.25 22.47 -25.60
N ILE B 173 2.38 22.98 -26.07
CA ILE B 173 2.56 24.44 -26.19
C ILE B 173 2.25 24.99 -27.60
N SER B 174 1.91 24.11 -28.54
CA SER B 174 1.85 24.46 -29.97
C SER B 174 0.73 25.42 -30.36
N LYS B 175 -0.27 25.61 -29.49
CA LYS B 175 -1.41 26.44 -29.81
C LYS B 175 -1.17 27.89 -29.49
N ASN B 176 -0.14 28.17 -28.72
CA ASN B 176 0.15 29.54 -28.34
C ASN B 176 1.55 29.93 -28.78
N PRO B 177 1.66 30.69 -29.89
CA PRO B 177 2.98 30.91 -30.52
C PRO B 177 3.88 31.92 -29.78
N ASN B 178 3.36 32.56 -28.72
CA ASN B 178 4.21 33.28 -27.78
C ASN B 178 5.13 32.34 -27.03
N LEU B 179 4.83 31.03 -26.98
CA LEU B 179 5.64 30.09 -26.24
C LEU B 179 6.73 29.62 -27.15
N LYS B 180 7.96 29.86 -26.77
CA LYS B 180 9.06 29.36 -27.57
C LYS B 180 10.08 28.61 -26.76
N ILE B 181 10.49 27.47 -27.26
CA ILE B 181 11.55 26.75 -26.66
C ILE B 181 12.85 27.30 -27.20
N VAL B 182 13.60 28.01 -26.36
CA VAL B 182 14.80 28.70 -26.82
C VAL B 182 16.06 27.87 -26.61
N ALA B 183 15.98 26.84 -25.78
CA ALA B 183 17.09 25.93 -25.60
C ALA B 183 16.54 24.59 -25.13
N SER B 184 17.21 23.51 -25.50
CA SER B 184 16.78 22.17 -25.21
C SER B 184 18.01 21.29 -25.30
N GLN B 185 18.32 20.60 -24.21
CA GLN B 185 19.56 19.83 -24.17
C GLN B 185 19.42 18.71 -23.13
N THR B 186 20.09 17.59 -23.36
CA THR B 186 20.02 16.45 -22.46
C THR B 186 20.70 16.75 -21.15
N GLY B 187 20.02 16.44 -20.04
CA GLY B 187 20.65 16.33 -18.74
C GLY B 187 20.74 14.88 -18.23
N ASP B 188 20.53 13.92 -19.13
CA ASP B 188 20.74 12.50 -18.82
C ASP B 188 19.89 11.97 -17.66
N PHE B 189 18.74 12.59 -17.37
CA PHE B 189 17.89 12.20 -16.26
C PHE B 189 18.54 12.23 -14.87
N THR B 190 19.64 12.96 -14.71
CA THR B 190 20.31 13.00 -13.41
C THR B 190 20.34 14.41 -12.84
N ARG B 191 20.48 14.47 -11.52
CA ARG B 191 20.54 15.72 -10.83
C ARG B 191 21.74 16.56 -11.30
N SER B 192 22.90 15.94 -11.40
CA SER B 192 24.09 16.70 -11.75
C SER B 192 24.01 17.10 -13.23
N GLY B 193 23.40 16.26 -14.07
CA GLY B 193 23.21 16.62 -15.49
C GLY B 193 22.26 17.80 -15.62
N GLY B 194 21.16 17.78 -14.87
CA GLY B 194 20.21 18.88 -14.89
C GLY B 194 20.81 20.19 -14.41
N LYS B 195 21.61 20.11 -13.35
CA LYS B 195 22.25 21.30 -12.79
C LYS B 195 23.23 21.91 -13.78
N GLN B 196 24.06 21.05 -14.39
CA GLN B 196 25.10 21.49 -15.33
C GLN B 196 24.51 22.15 -16.58
N VAL B 197 23.46 21.56 -17.13
CA VAL B 197 22.80 22.11 -18.30
C VAL B 197 22.08 23.41 -17.97
N MET B 198 21.42 23.47 -16.83
CA MET B 198 20.77 24.70 -16.43
C MET B 198 21.78 25.82 -16.22
N GLU B 199 22.96 25.52 -15.66
CA GLU B 199 24.03 26.56 -15.54
C GLU B 199 24.32 27.10 -16.92
N ALA B 200 24.48 26.20 -17.88
CA ALA B 200 24.79 26.60 -19.24
C ALA B 200 23.71 27.48 -19.83
N PHE B 201 22.45 27.09 -19.61
CA PHE B 201 21.32 27.85 -20.12
C PHE B 201 21.27 29.26 -19.50
N LEU B 202 21.51 29.36 -18.20
CA LEU B 202 21.49 30.64 -17.50
C LEU B 202 22.57 31.59 -18.02
N LYS B 203 23.67 31.03 -18.47
CA LYS B 203 24.75 31.83 -19.06
C LYS B 203 24.44 32.25 -20.49
N SER B 204 23.84 31.35 -21.28
CA SER B 204 23.68 31.52 -22.71
C SER B 204 22.38 32.20 -23.09
N THR B 205 21.40 32.17 -22.20
CA THR B 205 20.04 32.53 -22.55
C THR B 205 19.59 33.64 -21.61
N PRO B 206 19.46 34.86 -22.14
CA PRO B 206 19.29 36.01 -21.24
C PRO B 206 17.97 36.04 -20.44
N GLN B 207 16.91 35.52 -21.02
CA GLN B 207 15.58 35.62 -20.42
C GLN B 207 14.99 34.20 -20.39
N ILE B 208 14.85 33.62 -19.20
CA ILE B 208 14.23 32.29 -19.04
C ILE B 208 13.01 32.45 -18.18
N ASP B 209 11.85 32.11 -18.73
CA ASP B 209 10.62 32.20 -17.98
C ASP B 209 10.24 30.86 -17.34
N VAL B 210 10.46 29.76 -18.07
CA VAL B 210 10.04 28.42 -17.59
C VAL B 210 11.06 27.41 -17.96
N VAL B 211 11.33 26.49 -17.03
CA VAL B 211 12.04 25.28 -17.40
C VAL B 211 11.10 24.07 -17.37
N PHE B 212 11.18 23.29 -18.43
CA PHE B 212 10.50 22.01 -18.47
C PHE B 212 11.57 20.96 -18.25
N ALA B 213 11.48 20.25 -17.14
CA ALA B 213 12.44 19.19 -16.80
C ALA B 213 11.74 17.84 -17.02
N GLN B 214 12.32 17.01 -17.87
CA GLN B 214 11.72 15.74 -18.23
C GLN B 214 11.75 14.70 -17.11
N ASN B 215 12.46 14.96 -16.02
CA ASN B 215 12.26 14.17 -14.79
C ASN B 215 12.56 15.02 -13.57
N ASP B 216 12.25 14.47 -12.40
CA ASP B 216 12.39 15.21 -11.15
C ASP B 216 13.85 15.54 -10.85
N ASP B 217 14.76 14.59 -11.08
CA ASP B 217 16.18 14.83 -10.74
C ASP B 217 16.79 16.01 -11.48
N MET B 218 16.55 16.08 -12.79
CA MET B 218 17.01 17.21 -13.58
C MET B 218 16.39 18.50 -13.12
N GLY B 219 15.12 18.47 -12.75
CA GLY B 219 14.43 19.61 -12.18
C GLY B 219 15.06 20.05 -10.88
N LEU B 220 15.46 19.10 -10.05
CA LEU B 220 16.06 19.48 -8.78
C LEU B 220 17.43 20.07 -9.00
N GLY B 221 18.20 19.52 -9.94
CA GLY B 221 19.49 20.08 -10.31
C GLY B 221 19.36 21.52 -10.78
N ALA B 222 18.38 21.75 -11.64
CA ALA B 222 18.10 23.05 -12.23
C ALA B 222 17.76 24.07 -11.16
N MET B 223 16.93 23.68 -10.22
CA MET B 223 16.56 24.48 -9.08
C MET B 223 17.82 24.97 -8.32
N GLU B 224 18.79 24.09 -8.10
CA GLU B 224 20.03 24.49 -7.46
C GLU B 224 20.86 25.44 -8.31
N ALA B 225 20.87 25.25 -9.62
CA ALA B 225 21.61 26.16 -10.51
C ALA B 225 20.98 27.53 -10.50
N ILE B 226 19.66 27.55 -10.47
CA ILE B 226 18.93 28.80 -10.43
C ILE B 226 19.23 29.54 -9.15
N GLU B 227 19.22 28.83 -8.03
CA GLU B 227 19.60 29.40 -6.74
C GLU B 227 21.04 29.91 -6.74
N ALA B 228 21.98 29.14 -7.28
CA ALA B 228 23.38 29.57 -7.28
C ALA B 228 23.56 30.86 -8.09
N ALA B 229 22.77 31.04 -9.13
CA ALA B 229 22.77 32.23 -9.94
C ALA B 229 22.06 33.40 -9.24
N GLY B 230 21.72 33.24 -7.95
CA GLY B 230 21.00 34.27 -7.20
C GLY B 230 19.58 34.54 -7.69
N LYS B 231 18.98 33.56 -8.36
CA LYS B 231 17.57 33.66 -8.76
C LYS B 231 16.72 32.73 -7.88
N LYS B 232 15.41 32.93 -7.93
CA LYS B 232 14.49 32.23 -7.05
C LYS B 232 13.65 31.23 -7.88
N PRO B 233 13.98 29.94 -7.80
CA PRO B 233 13.22 28.96 -8.61
C PRO B 233 11.81 28.92 -8.12
N GLY B 234 10.85 28.88 -9.01
CA GLY B 234 9.46 28.88 -8.60
C GLY B 234 8.82 30.25 -8.67
N THR B 235 9.63 31.31 -8.58
CA THR B 235 9.10 32.66 -8.77
C THR B 235 9.71 33.39 -9.97
N ASP B 236 11.02 33.51 -9.99
CA ASP B 236 11.71 34.18 -11.09
C ASP B 236 11.72 33.32 -12.35
N ILE B 237 11.99 32.04 -12.14
CA ILE B 237 11.95 31.05 -13.22
C ILE B 237 11.04 29.92 -12.72
N LYS B 238 9.97 29.65 -13.47
CA LYS B 238 9.05 28.57 -13.13
C LYS B 238 9.60 27.21 -13.58
N ILE B 239 9.24 26.15 -12.86
CA ILE B 239 9.69 24.83 -13.17
C ILE B 239 8.49 23.89 -13.26
N VAL B 240 8.34 23.25 -14.42
CA VAL B 240 7.36 22.19 -14.58
C VAL B 240 8.15 20.93 -14.83
N ALA B 241 7.86 19.87 -14.06
CA ALA B 241 8.64 18.65 -14.18
C ALA B 241 7.74 17.41 -14.29
N VAL B 242 8.33 16.32 -14.76
CA VAL B 242 7.64 15.04 -14.77
C VAL B 242 8.18 14.18 -13.61
N ASP B 243 7.29 13.42 -12.97
CA ASP B 243 7.60 12.45 -11.88
C ASP B 243 7.22 13.00 -10.51
N ALA B 244 6.16 12.46 -9.95
CA ALA B 244 5.72 12.91 -8.67
C ALA B 244 6.41 12.09 -7.57
N THR B 245 7.72 12.21 -7.51
CA THR B 245 8.51 11.51 -6.50
C THR B 245 8.49 12.27 -5.19
N HIS B 246 8.99 11.68 -4.13
CA HIS B 246 8.99 12.36 -2.83
C HIS B 246 9.75 13.70 -2.90
N ASP B 247 10.97 13.66 -3.46
CA ASP B 247 11.84 14.84 -3.56
C ASP B 247 11.24 15.94 -4.45
N GLY B 248 10.66 15.49 -5.56
CA GLY B 248 9.98 16.36 -6.50
C GLY B 248 8.80 17.04 -5.85
N MET B 249 7.96 16.23 -5.19
CA MET B 249 6.81 16.78 -4.48
C MET B 249 7.21 17.72 -3.34
N GLN B 250 8.33 17.42 -2.68
CA GLN B 250 8.81 18.28 -1.61
C GLN B 250 9.19 19.67 -2.18
N ALA B 251 9.91 19.68 -3.29
CA ALA B 251 10.27 20.94 -3.98
C ALA B 251 9.05 21.77 -4.36
N LEU B 252 8.03 21.09 -4.86
CA LEU B 252 6.81 21.72 -5.25
C LEU B 252 6.06 22.28 -4.05
N ALA B 253 5.97 21.48 -2.99
CA ALA B 253 5.37 21.94 -1.74
C ALA B 253 6.14 23.16 -1.18
N ASP B 254 7.47 23.17 -1.28
CA ASP B 254 8.28 24.33 -0.92
C ASP B 254 8.18 25.54 -1.90
N GLY B 255 7.43 25.43 -2.98
CA GLY B 255 7.30 26.52 -3.95
C GLY B 255 8.48 26.69 -4.90
N LYS B 256 9.38 25.73 -4.95
CA LYS B 256 10.54 25.82 -5.83
C LYS B 256 10.30 25.20 -7.21
N PHE B 257 9.36 24.25 -7.29
CA PHE B 257 8.74 23.85 -8.57
C PHE B 257 7.37 24.53 -8.61
N ASN B 258 6.76 24.60 -9.77
CA ASN B 258 5.41 25.10 -9.92
C ASN B 258 4.39 24.04 -10.32
N TYR B 259 4.82 22.99 -11.00
CA TYR B 259 3.90 21.97 -11.44
C TYR B 259 4.63 20.65 -11.68
N ILE B 260 3.99 19.55 -11.26
CA ILE B 260 4.49 18.20 -11.56
C ILE B 260 3.36 17.37 -12.22
N VAL B 261 3.73 16.62 -13.28
CA VAL B 261 2.82 15.69 -13.91
C VAL B 261 3.45 14.30 -13.88
N GLU B 262 2.60 13.27 -13.87
CA GLU B 262 3.10 11.90 -14.02
C GLU B 262 2.03 11.06 -14.64
N CYS B 263 2.43 10.18 -15.55
CA CYS B 263 1.55 9.14 -16.04
C CYS B 263 2.07 7.89 -15.37
N ASN B 264 1.23 7.22 -14.60
CA ASN B 264 1.68 6.04 -13.83
C ASN B 264 2.10 4.85 -14.71
N PRO B 265 3.05 4.06 -14.23
CA PRO B 265 3.26 2.76 -14.82
C PRO B 265 2.10 1.79 -14.49
N LEU B 266 2.25 0.55 -14.91
CA LEU B 266 1.37 -0.53 -14.52
C LEU B 266 1.15 -0.48 -12.99
N LEU B 267 -0.10 -0.60 -12.54
CA LEU B 267 -0.41 -0.58 -11.11
C LEU B 267 -0.59 -1.97 -10.52
N GLY B 268 -1.17 -2.89 -11.31
CA GLY B 268 -1.35 -4.29 -10.89
C GLY B 268 -2.79 -4.72 -11.12
N PRO B 269 -3.76 -3.99 -10.56
CA PRO B 269 -5.15 -4.47 -10.66
C PRO B 269 -5.68 -4.38 -12.05
N GLU B 270 -5.19 -3.43 -12.84
CA GLU B 270 -5.67 -3.34 -14.20
C GLU B 270 -5.14 -4.57 -15.04
N LEU B 271 -3.95 -5.06 -14.73
CA LEU B 271 -3.47 -6.31 -15.34
C LEU B 271 -4.41 -7.48 -14.98
N MET B 272 -4.79 -7.58 -13.70
CA MET B 272 -5.66 -8.67 -13.25
C MET B 272 -7.02 -8.55 -13.92
N ASP B 273 -7.55 -7.34 -14.00
CA ASP B 273 -8.84 -7.14 -14.65
C ASP B 273 -8.77 -7.45 -16.16
N LEU B 274 -7.74 -6.95 -16.82
CA LEU B 274 -7.54 -7.32 -18.22
C LEU B 274 -7.31 -8.80 -18.44
N ALA B 275 -6.58 -9.44 -17.55
CA ALA B 275 -6.34 -10.87 -17.66
C ALA B 275 -7.65 -11.63 -17.68
N LYS B 276 -8.54 -11.27 -16.76
CA LYS B 276 -9.91 -11.85 -16.76
C LYS B 276 -10.64 -11.62 -18.07
N LYS B 277 -10.57 -10.40 -18.59
CA LYS B 277 -11.24 -10.10 -19.82
C LYS B 277 -10.70 -10.88 -21.00
N VAL B 278 -9.38 -10.95 -21.15
CA VAL B 278 -8.82 -11.62 -22.30
C VAL B 278 -9.03 -13.13 -22.20
N ALA B 279 -9.00 -13.68 -21.00
CA ALA B 279 -9.28 -15.13 -20.84
C ALA B 279 -10.72 -15.43 -21.27
N ALA B 280 -11.63 -14.50 -21.05
CA ALA B 280 -13.02 -14.66 -21.48
C ALA B 280 -13.30 -14.25 -22.93
N GLY B 281 -12.29 -13.78 -23.67
CA GLY B 281 -12.49 -13.30 -25.03
C GLY B 281 -13.22 -11.95 -25.15
N GLU B 282 -13.22 -11.17 -24.09
CA GLU B 282 -13.94 -9.89 -24.09
C GLU B 282 -13.16 -8.79 -24.76
N PRO B 283 -13.86 -7.82 -25.38
CA PRO B 283 -13.18 -6.66 -25.99
C PRO B 283 -12.33 -5.89 -24.98
N VAL B 284 -11.12 -5.55 -25.40
CA VAL B 284 -10.18 -4.83 -24.59
C VAL B 284 -9.57 -3.66 -25.36
N PRO B 285 -9.05 -2.66 -24.62
CA PRO B 285 -8.24 -1.64 -25.27
C PRO B 285 -6.90 -2.20 -25.65
N GLU B 286 -6.24 -1.64 -26.67
CA GLU B 286 -4.86 -2.02 -26.98
C GLU B 286 -3.90 -1.47 -25.97
N ARG B 287 -4.30 -0.36 -25.35
CA ARG B 287 -3.47 0.29 -24.36
C ARG B 287 -4.32 0.64 -23.17
N VAL B 288 -3.97 0.14 -22.02
CA VAL B 288 -4.68 0.53 -20.84
C VAL B 288 -4.27 1.97 -20.59
N VAL B 289 -5.20 2.80 -20.14
CA VAL B 289 -4.80 4.12 -19.68
C VAL B 289 -4.56 4.06 -18.17
N THR B 290 -3.32 4.25 -17.75
CA THR B 290 -2.97 4.20 -16.33
C THR B 290 -3.43 5.50 -15.69
N PRO B 291 -3.46 5.57 -14.37
CA PRO B 291 -3.84 6.84 -13.75
C PRO B 291 -2.79 7.93 -13.93
N ASP B 292 -3.29 9.14 -13.93
CA ASP B 292 -2.48 10.33 -14.08
C ASP B 292 -2.47 11.13 -12.79
N GLU B 293 -1.32 11.71 -12.52
CA GLU B 293 -1.11 12.56 -11.36
C GLU B 293 -0.71 13.95 -11.86
N ALA B 294 -1.15 14.98 -11.15
CA ALA B 294 -0.75 16.36 -11.43
C ALA B 294 -0.88 17.16 -10.16
N PHE B 295 0.10 18.01 -9.88
CA PHE B 295 0.12 18.76 -8.62
C PHE B 295 0.66 20.15 -8.82
N ASP B 296 -0.03 21.14 -8.28
CA ASP B 296 0.56 22.45 -8.02
C ASP B 296 1.04 22.45 -6.56
N GLN B 297 1.50 23.60 -6.06
CA GLN B 297 2.14 23.70 -4.77
C GLN B 297 1.18 23.30 -3.62
N ALA B 298 -0.01 23.87 -3.65
CA ALA B 298 -0.99 23.63 -2.61
C ALA B 298 -1.36 22.16 -2.58
N GLN B 299 -1.60 21.57 -3.76
CA GLN B 299 -1.96 20.14 -3.83
C GLN B 299 -0.84 19.27 -3.32
N ALA B 300 0.43 19.60 -3.64
CA ALA B 300 1.53 18.77 -3.20
C ALA B 300 1.71 18.82 -1.69
N LYS B 301 1.48 20.00 -1.13
CA LYS B 301 1.68 20.24 0.31
C LYS B 301 0.66 19.44 1.11
N ALA B 302 -0.56 19.33 0.61
CA ALA B 302 -1.59 18.46 1.24
C ALA B 302 -1.30 16.97 1.02
N ALA B 303 -1.03 16.58 -0.23
CA ALA B 303 -0.83 15.18 -0.59
C ALA B 303 0.38 14.54 0.04
N LEU B 304 1.50 15.24 0.07
CA LEU B 304 2.75 14.67 0.57
C LEU B 304 2.67 14.00 1.97
N PRO B 305 2.28 14.77 3.02
CA PRO B 305 2.21 14.15 4.35
C PRO B 305 1.12 13.08 4.46
N ASN B 306 0.02 13.27 3.72
N ASN B 306 0.02 13.26 3.74
CA ASN B 306 -1.09 12.30 3.76
CA ASN B 306 -1.08 12.31 3.80
C ASN B 306 -0.68 10.92 3.25
C ASN B 306 -0.84 10.99 3.06
N ARG B 307 0.26 10.90 2.32
CA ARG B 307 0.57 9.65 1.64
C ARG B 307 0.99 8.57 2.57
N GLN B 308 1.74 8.93 3.58
CA GLN B 308 2.25 7.95 4.55
C GLN B 308 1.10 7.15 5.15
N TYR B 309 0.03 7.86 5.49
CA TYR B 309 -1.13 7.26 6.15
C TYR B 309 -1.93 6.42 5.19
N LYS B 310 -2.14 6.88 3.94
CA LYS B 310 -2.79 6.06 2.96
C LYS B 310 -2.03 4.78 2.63
N LEU B 311 -0.71 4.90 2.49
CA LEU B 311 0.15 3.77 2.30
C LEU B 311 0.05 2.77 3.46
N ALA B 312 0.19 3.29 4.66
CA ALA B 312 0.23 2.41 5.84
C ALA B 312 -1.10 1.69 6.05
N ALA B 313 -2.21 2.39 5.85
CA ALA B 313 -3.52 1.75 5.94
C ALA B 313 -3.69 0.67 4.92
N ALA B 314 -3.29 0.93 3.67
CA ALA B 314 -3.38 -0.08 2.66
C ALA B 314 -2.52 -1.29 2.94
N LEU B 315 -1.30 -1.10 3.40
CA LEU B 315 -0.43 -2.22 3.68
C LEU B 315 -0.99 -3.05 4.85
N GLU B 316 -1.62 -2.37 5.79
CA GLU B 316 -2.27 -3.05 6.91
C GLU B 316 -3.40 -3.95 6.45
N HIS B 317 -4.29 -3.44 5.60
CA HIS B 317 -5.40 -4.24 5.19
C HIS B 317 -4.84 -5.44 4.39
N HIS B 318 -3.84 -5.16 3.52
CA HIS B 318 -3.35 -6.16 2.60
C HIS B 318 -2.65 -7.32 3.31
N HIS B 319 -2.01 -7.01 4.42
CA HIS B 319 -1.21 -8.02 5.13
C HIS B 319 -2.04 -9.21 5.64
N HIS B 320 -3.36 -9.06 5.74
CA HIS B 320 -4.21 -10.21 6.07
C HIS B 320 -4.17 -11.29 4.99
N HIS B 321 -3.73 -10.95 3.76
CA HIS B 321 -3.56 -11.98 2.73
C HIS B 321 -2.29 -12.83 2.96
N HIS B 322 -1.46 -12.51 3.94
CA HIS B 322 -0.14 -13.13 4.08
C HIS B 322 -0.15 -14.13 5.24
#